data_4G1I
#
_entry.id   4G1I
#
_cell.length_a   264.432
_cell.length_b   33.380
_cell.length_c   48.530
_cell.angle_alpha   90.00
_cell.angle_beta   91.60
_cell.angle_gamma   90.00
#
_symmetry.space_group_name_H-M   'C 1 2 1'
#
loop_
_entity.id
_entity.type
_entity.pdbx_description
1 polymer 'Protein prgH'
2 non-polymer 'PENTAETHYLENE GLYCOL'
3 non-polymer 'PHOSPHATE ION'
4 water water
#
_entity_poly.entity_id   1
_entity_poly.type   'polypeptide(L)'
_entity_poly.pdbx_seq_one_letter_code
;GSHMAAELDSLLGQEKERFQVLPGRDKMLYVAAQNERDTLWARQVLARGDYDKNARVINENEENKRISIWLDTYYPQLAY
YRIHFDEPRKPVFWLSRQRNTMSKKELEVLSQKLRALMPYADSVNITLMDDVTAAGQAEAGLKQQALPYSRRNHKGGVTF
VIQGALDDVEILRARQFVDSYYRTWGGRYVQFAIELKDDWLKGRSFQYGAEGYIKMSPGHWYFPSPL
;
_entity_poly.pdbx_strand_id   A,B
#
loop_
_chem_comp.id
_chem_comp.type
_chem_comp.name
_chem_comp.formula
1PE non-polymer 'PENTAETHYLENE GLYCOL' 'C10 H22 O6'
PO4 non-polymer 'PHOSPHATE ION' 'O4 P -3'
#
# COMPACT_ATOMS: atom_id res chain seq x y z
N GLU A 7 -24.82 10.07 15.79
CA GLU A 7 -24.99 9.68 14.39
C GLU A 7 -23.97 10.47 13.56
N LEU A 8 -24.27 11.75 13.31
CA LEU A 8 -23.19 12.69 13.05
C LEU A 8 -22.37 12.83 14.34
N ASP A 9 -22.99 12.64 15.51
CA ASP A 9 -22.26 12.63 16.80
C ASP A 9 -21.10 11.60 16.77
N SER A 10 -21.43 10.36 16.40
CA SER A 10 -20.45 9.26 16.35
C SER A 10 -19.36 9.57 15.34
N LEU A 11 -19.77 10.04 14.16
CA LEU A 11 -18.85 10.57 13.16
C LEU A 11 -17.75 11.47 13.75
N LEU A 12 -18.16 12.46 14.55
CA LEU A 12 -17.19 13.40 15.13
C LEU A 12 -16.23 12.69 16.07
N GLY A 13 -16.72 11.66 16.75
CA GLY A 13 -15.89 10.82 17.62
C GLY A 13 -14.59 10.36 16.99
N GLN A 14 -14.63 9.99 15.72
CA GLN A 14 -13.46 9.48 15.03
C GLN A 14 -12.50 10.57 14.53
N ARG A 18 -12.30 7.39 6.93
CA ARG A 18 -12.15 5.97 6.61
C ARG A 18 -13.26 5.14 7.20
N PHE A 19 -14.29 5.79 7.75
CA PHE A 19 -15.39 5.04 8.40
C PHE A 19 -16.68 5.46 7.76
N GLN A 20 -17.71 4.64 7.89
CA GLN A 20 -19.05 5.11 7.53
C GLN A 20 -19.95 4.72 8.66
N VAL A 21 -20.62 5.69 9.28
CA VAL A 21 -21.52 5.38 10.37
C VAL A 21 -22.92 5.19 9.85
N LEU A 22 -23.55 4.06 10.19
CA LEU A 22 -24.80 3.72 9.52
C LEU A 22 -25.81 3.43 10.58
N PRO A 23 -27.04 3.95 10.39
CA PRO A 23 -28.15 3.73 11.30
C PRO A 23 -28.70 2.33 11.05
N GLY A 24 -28.99 1.61 12.12
CA GLY A 24 -29.61 0.30 12.00
C GLY A 24 -31.07 0.31 12.44
N ARG A 25 -31.86 -0.51 11.76
CA ARG A 25 -33.25 -0.76 12.13
C ARG A 25 -33.45 -1.31 13.54
N ASP A 26 -32.38 -1.76 14.19
CA ASP A 26 -32.44 -2.25 15.56
C ASP A 26 -32.09 -1.13 16.54
N LYS A 27 -32.15 0.11 16.06
CA LYS A 27 -31.69 1.27 16.80
C LYS A 27 -30.20 1.28 17.20
N MET A 28 -29.39 0.37 16.66
CA MET A 28 -27.94 0.45 16.88
C MET A 28 -27.29 1.37 15.84
N LEU A 29 -26.11 1.87 16.17
CA LEU A 29 -25.29 2.58 15.20
C LEU A 29 -24.19 1.64 14.79
N TYR A 30 -24.00 1.51 13.48
CA TYR A 30 -23.03 0.59 12.93
C TYR A 30 -21.90 1.39 12.31
N VAL A 31 -20.69 1.15 12.80
CA VAL A 31 -19.53 1.83 12.24
C VAL A 31 -18.80 0.88 11.27
N ALA A 32 -18.85 1.15 9.98
CA ALA A 32 -18.15 0.28 8.99
C ALA A 32 -16.70 0.70 8.82
N ALA A 33 -15.75 -0.20 9.11
CA ALA A 33 -14.34 0.10 8.96
C ALA A 33 -13.78 -0.70 7.78
N GLN A 34 -12.65 -0.28 7.28
CA GLN A 34 -12.10 -0.84 6.07
C GLN A 34 -11.17 -2.02 6.33
N ASN A 35 -10.77 -2.18 7.58
CA ASN A 35 -9.78 -3.23 7.90
C ASN A 35 -9.65 -3.46 9.41
N GLU A 36 -8.82 -4.44 9.76
CA GLU A 36 -8.66 -4.85 11.15
C GLU A 36 -8.12 -3.76 12.06
N ARG A 37 -7.03 -3.11 11.65
CA ARG A 37 -6.41 -2.09 12.47
C ARG A 37 -7.41 -1.02 12.85
N ASP A 38 -8.21 -0.57 11.88
CA ASP A 38 -9.18 0.49 12.15
C ASP A 38 -10.32 0.02 13.01
N THR A 39 -10.69 -1.25 12.84
CA THR A 39 -11.79 -1.83 13.62
C THR A 39 -11.44 -1.83 15.09
N LEU A 40 -10.24 -2.33 15.43
CA LEU A 40 -9.76 -2.35 16.82
C LEU A 40 -9.62 -0.94 17.38
N TRP A 41 -9.10 -0.04 16.56
CA TRP A 41 -8.95 1.35 17.00
C TRP A 41 -10.30 1.96 17.37
N ALA A 42 -11.30 1.80 16.51
CA ALA A 42 -12.59 2.43 16.76
C ALA A 42 -13.25 1.78 17.95
N ARG A 43 -13.00 0.49 18.09
CA ARG A 43 -13.51 -0.19 19.30
C ARG A 43 -12.88 0.36 20.60
N GLN A 44 -11.56 0.49 20.62
CA GLN A 44 -10.80 1.13 21.72
C GLN A 44 -11.40 2.48 22.04
N VAL A 45 -11.47 3.34 21.03
CA VAL A 45 -12.11 4.66 21.18
C VAL A 45 -13.55 4.67 21.72
N LEU A 46 -14.45 3.90 21.11
CA LEU A 46 -15.86 3.88 21.55
C LEU A 46 -16.02 3.35 22.98
N ALA A 47 -15.10 2.50 23.40
CA ALA A 47 -15.22 1.83 24.72
C ALA A 47 -14.85 2.78 25.85
N ARG A 48 -14.19 3.87 25.50
CA ARG A 48 -13.67 4.82 26.51
C ARG A 48 -14.71 5.87 26.87
N GLY A 49 -15.84 5.86 26.17
CA GLY A 49 -16.82 6.90 26.31
C GLY A 49 -18.25 6.39 26.35
N ASP A 50 -19.21 7.30 26.12
CA ASP A 50 -20.65 7.07 26.31
C ASP A 50 -21.37 6.35 25.18
N TYR A 51 -20.69 6.17 24.05
CA TYR A 51 -21.26 5.43 22.93
C TYR A 51 -20.92 3.95 23.07
N ASP A 52 -20.14 3.62 24.11
CA ASP A 52 -19.55 2.29 24.33
C ASP A 52 -20.48 1.10 24.21
N LYS A 53 -21.77 1.38 24.20
CA LYS A 53 -22.77 0.34 24.02
C LYS A 53 -23.90 0.86 23.14
N ASN A 54 -23.64 1.95 22.43
CA ASN A 54 -24.58 2.41 21.42
C ASN A 54 -24.13 2.04 20.01
N ALA A 55 -22.87 1.66 19.89
CA ALA A 55 -22.34 1.44 18.54
C ALA A 55 -21.70 0.08 18.41
N ARG A 56 -21.66 -0.46 17.19
CA ARG A 56 -20.96 -1.73 16.96
C ARG A 56 -20.07 -1.49 15.73
N VAL A 57 -18.81 -1.90 15.80
CA VAL A 57 -17.90 -1.65 14.68
C VAL A 57 -17.93 -2.94 13.84
N ILE A 58 -18.13 -2.77 12.54
CA ILE A 58 -18.16 -3.98 11.66
C ILE A 58 -17.15 -3.83 10.56
N ASN A 59 -16.75 -4.95 9.97
CA ASN A 59 -15.93 -4.88 8.74
C ASN A 59 -16.28 -6.10 7.92
N GLU A 60 -15.78 -6.13 6.69
CA GLU A 60 -16.21 -7.16 5.73
C GLU A 60 -15.80 -8.56 6.20
N ASN A 61 -14.65 -8.67 6.86
CA ASN A 61 -14.16 -9.98 7.24
C ASN A 61 -15.07 -10.55 8.33
N GLU A 62 -15.35 -9.74 9.36
CA GLU A 62 -16.20 -10.23 10.45
C GLU A 62 -17.63 -10.52 9.99
N GLU A 63 -18.16 -9.66 9.12
CA GLU A 63 -19.56 -9.85 8.76
C GLU A 63 -19.71 -11.11 7.89
N ASN A 64 -18.74 -11.32 6.99
CA ASN A 64 -18.74 -12.62 6.27
C ASN A 64 -18.72 -13.82 7.20
N LYS A 65 -17.87 -13.77 8.22
CA LYS A 65 -17.82 -14.86 9.21
C LYS A 65 -19.16 -15.05 9.89
N ARG A 66 -19.82 -13.92 10.22
CA ARG A 66 -21.10 -13.99 11.01
C ARG A 66 -22.21 -14.58 10.16
N ILE A 67 -22.26 -14.16 8.88
CA ILE A 67 -23.32 -14.62 7.97
C ILE A 67 -22.99 -16.06 7.63
N SER A 68 -21.71 -16.40 7.43
CA SER A 68 -21.37 -17.82 7.10
C SER A 68 -21.79 -18.75 8.19
N ILE A 69 -21.67 -18.34 9.44
CA ILE A 69 -22.16 -19.23 10.52
C ILE A 69 -23.66 -19.45 10.45
N TRP A 70 -24.41 -18.40 10.17
CA TRP A 70 -25.86 -18.55 10.03
C TRP A 70 -26.19 -19.50 8.84
N LEU A 71 -25.54 -19.27 7.72
CA LEU A 71 -25.84 -20.09 6.58
C LEU A 71 -25.43 -21.55 6.76
N ASP A 72 -24.40 -21.79 7.56
CA ASP A 72 -23.92 -23.18 7.87
C ASP A 72 -25.09 -24.02 8.36
N THR A 73 -25.97 -23.40 9.16
CA THR A 73 -27.16 -24.14 9.67
C THR A 73 -28.37 -24.02 8.74
N TYR A 74 -28.67 -22.84 8.20
CA TYR A 74 -29.98 -22.66 7.54
C TYR A 74 -29.94 -22.93 6.06
N TYR A 75 -28.78 -22.75 5.45
CA TYR A 75 -28.60 -23.06 4.00
C TYR A 75 -27.30 -23.84 3.84
N PRO A 76 -27.21 -25.02 4.42
CA PRO A 76 -25.94 -25.75 4.59
C PRO A 76 -25.32 -26.24 3.28
N GLN A 77 -26.11 -26.30 2.22
CA GLN A 77 -25.56 -26.79 0.95
C GLN A 77 -25.37 -25.66 -0.04
N LEU A 78 -25.51 -24.41 0.39
CA LEU A 78 -25.48 -23.27 -0.51
C LEU A 78 -24.09 -23.08 -1.11
N ALA A 79 -24.03 -22.91 -2.45
CA ALA A 79 -22.76 -22.71 -3.13
C ALA A 79 -22.58 -21.22 -3.30
N TYR A 80 -21.77 -20.61 -2.45
CA TYR A 80 -21.60 -19.16 -2.50
C TYR A 80 -20.13 -18.82 -2.42
N TYR A 81 -19.83 -17.56 -2.67
CA TYR A 81 -18.46 -17.12 -2.60
C TYR A 81 -18.27 -16.25 -1.33
N ARG A 82 -18.81 -15.05 -1.36
CA ARG A 82 -18.46 -14.07 -0.34
C ARG A 82 -19.43 -12.91 -0.44
N ILE A 83 -19.60 -12.13 0.64
CA ILE A 83 -20.41 -10.93 0.55
C ILE A 83 -19.47 -9.75 0.52
N HIS A 84 -19.76 -8.77 -0.33
CA HIS A 84 -18.91 -7.60 -0.51
C HIS A 84 -19.61 -6.34 -0.03
N PHE A 85 -18.87 -5.47 0.63
CA PHE A 85 -19.43 -4.32 1.35
C PHE A 85 -18.96 -2.96 0.85
N ASP A 86 -18.49 -2.90 -0.41
CA ASP A 86 -18.13 -1.65 -1.05
C ASP A 86 -19.12 -0.53 -0.73
N GLU A 87 -20.40 -0.81 -0.89
CA GLU A 87 -21.39 0.06 -0.32
C GLU A 87 -22.09 -0.67 0.84
N PRO A 88 -21.70 -0.36 2.09
CA PRO A 88 -22.19 -1.11 3.26
C PRO A 88 -23.69 -1.01 3.43
N ARG A 89 -24.34 0.06 2.97
CA ARG A 89 -25.83 0.06 2.92
C ARG A 89 -26.43 -0.92 1.93
N LYS A 90 -25.63 -1.38 0.97
CA LYS A 90 -26.15 -2.27 -0.06
C LYS A 90 -25.14 -3.41 -0.35
N PRO A 91 -24.97 -4.30 0.63
CA PRO A 91 -24.05 -5.42 0.48
C PRO A 91 -24.47 -6.24 -0.76
N VAL A 92 -23.47 -6.80 -1.44
CA VAL A 92 -23.70 -7.68 -2.59
C VAL A 92 -23.18 -9.08 -2.29
N PHE A 93 -24.08 -10.07 -2.37
CA PHE A 93 -23.78 -11.43 -2.00
C PHE A 93 -23.48 -12.18 -3.30
N TRP A 94 -22.25 -12.66 -3.48
CA TRP A 94 -21.92 -13.45 -4.66
C TRP A 94 -22.24 -14.92 -4.46
N LEU A 95 -23.11 -15.46 -5.32
CA LEU A 95 -23.52 -16.85 -5.32
CA LEU A 95 -23.49 -16.84 -5.30
C LEU A 95 -23.00 -17.42 -6.62
N SER A 96 -22.86 -18.73 -6.68
CA SER A 96 -22.44 -19.43 -7.91
C SER A 96 -23.61 -19.58 -8.85
N ARG A 97 -23.47 -19.14 -10.11
CA ARG A 97 -24.51 -19.37 -11.10
C ARG A 97 -24.65 -20.86 -11.37
N GLN A 98 -23.53 -21.54 -11.63
CA GLN A 98 -23.60 -22.97 -12.03
C GLN A 98 -24.12 -23.87 -10.94
N ARG A 99 -23.71 -23.59 -9.70
CA ARG A 99 -24.06 -24.50 -8.62
C ARG A 99 -25.24 -24.05 -7.76
N ASN A 100 -25.87 -22.93 -8.10
CA ASN A 100 -27.18 -22.53 -7.55
C ASN A 100 -28.29 -23.57 -7.85
N THR A 101 -29.08 -23.90 -6.84
CA THR A 101 -30.15 -24.86 -7.01
C THR A 101 -31.49 -24.17 -6.71
N MET A 102 -31.43 -22.86 -6.41
CA MET A 102 -32.60 -22.10 -5.99
C MET A 102 -33.37 -21.45 -7.12
N SER A 103 -34.69 -21.42 -6.97
CA SER A 103 -35.56 -20.72 -7.91
C SER A 103 -35.45 -19.25 -7.67
N LYS A 104 -36.03 -18.44 -8.55
CA LYS A 104 -35.98 -16.99 -8.36
C LYS A 104 -36.61 -16.56 -7.03
N LYS A 105 -37.70 -17.22 -6.67
CA LYS A 105 -38.41 -16.93 -5.43
C LYS A 105 -37.54 -17.30 -4.21
N GLU A 106 -36.87 -18.44 -4.27
CA GLU A 106 -35.97 -18.77 -3.16
C GLU A 106 -34.84 -17.74 -3.00
N LEU A 107 -34.26 -17.27 -4.09
CA LEU A 107 -33.20 -16.24 -3.99
C LEU A 107 -33.76 -14.96 -3.39
N GLU A 108 -35.01 -14.63 -3.70
CA GLU A 108 -35.60 -13.43 -3.14
C GLU A 108 -35.78 -13.59 -1.62
N VAL A 109 -36.18 -14.79 -1.20
CA VAL A 109 -36.36 -15.06 0.22
C VAL A 109 -35.01 -14.96 0.92
N LEU A 110 -33.99 -15.57 0.33
CA LEU A 110 -32.64 -15.45 0.85
C LEU A 110 -32.20 -14.00 1.02
N SER A 111 -32.43 -13.16 0.01
CA SER A 111 -32.05 -11.75 0.10
C SER A 111 -32.74 -11.08 1.27
N GLN A 112 -34.00 -11.46 1.50
CA GLN A 112 -34.72 -10.84 2.61
C GLN A 112 -34.20 -11.34 3.95
N LYS A 113 -33.85 -12.61 4.05
CA LYS A 113 -33.29 -13.06 5.31
C LYS A 113 -31.96 -12.37 5.58
N LEU A 114 -31.15 -12.18 4.54
CA LEU A 114 -29.83 -11.53 4.74
C LEU A 114 -30.01 -10.09 5.20
N ARG A 115 -30.98 -9.43 4.59
CA ARG A 115 -31.30 -8.06 4.98
C ARG A 115 -31.73 -8.01 6.42
N ALA A 116 -32.58 -8.96 6.84
CA ALA A 116 -32.93 -8.99 8.25
C ALA A 116 -31.74 -9.23 9.16
N LEU A 117 -30.75 -9.98 8.69
CA LEU A 117 -29.54 -10.20 9.49
C LEU A 117 -28.57 -8.99 9.57
N MET A 118 -28.78 -7.98 8.73
CA MET A 118 -27.83 -6.85 8.64
C MET A 118 -28.69 -5.62 8.75
N PRO A 119 -28.97 -5.19 9.97
CA PRO A 119 -29.95 -4.12 10.21
C PRO A 119 -29.58 -2.79 9.57
N TYR A 120 -28.30 -2.58 9.21
CA TYR A 120 -27.83 -1.36 8.56
C TYR A 120 -27.99 -1.40 7.06
N ALA A 121 -28.37 -2.56 6.53
CA ALA A 121 -28.48 -2.68 5.08
C ALA A 121 -29.87 -2.37 4.51
N ASP A 122 -29.94 -1.47 3.52
CA ASP A 122 -31.21 -1.19 2.85
C ASP A 122 -31.68 -2.38 2.04
N SER A 123 -30.74 -3.05 1.39
CA SER A 123 -31.11 -4.21 0.58
C SER A 123 -29.89 -5.08 0.46
N VAL A 124 -30.10 -6.35 0.09
CA VAL A 124 -28.94 -7.21 -0.15
C VAL A 124 -29.15 -7.79 -1.53
N ASN A 125 -28.27 -7.42 -2.44
CA ASN A 125 -28.39 -7.86 -3.81
C ASN A 125 -27.66 -9.20 -3.96
N ILE A 126 -28.28 -10.16 -4.63
CA ILE A 126 -27.63 -11.43 -4.83
C ILE A 126 -27.15 -11.44 -6.28
N THR A 127 -25.86 -11.66 -6.51
CA THR A 127 -25.33 -11.66 -7.88
C THR A 127 -24.85 -13.06 -8.23
N LEU A 128 -25.24 -13.60 -9.38
CA LEU A 128 -24.85 -14.97 -9.72
C LEU A 128 -23.53 -14.88 -10.45
N MET A 129 -22.46 -15.38 -9.83
CA MET A 129 -21.13 -15.30 -10.44
C MET A 129 -20.77 -16.57 -11.20
N ASP A 130 -19.91 -16.39 -12.20
CA ASP A 130 -19.57 -17.52 -13.08
C ASP A 130 -18.36 -18.23 -12.50
N ASP A 131 -18.48 -19.54 -12.27
CA ASP A 131 -17.40 -20.37 -11.71
C ASP A 131 -16.16 -20.29 -12.61
N VAL A 132 -16.40 -20.10 -13.90
CA VAL A 132 -15.30 -20.05 -14.87
C VAL A 132 -14.41 -18.84 -14.59
N THR A 133 -15.02 -17.74 -14.18
CA THR A 133 -14.26 -16.58 -13.78
C THR A 133 -13.47 -16.84 -12.50
N ALA A 134 -14.13 -17.40 -11.49
CA ALA A 134 -13.42 -17.66 -10.24
C ALA A 134 -12.22 -18.57 -10.44
N ALA A 135 -12.40 -19.66 -11.20
CA ALA A 135 -11.29 -20.57 -11.37
C ALA A 135 -10.28 -19.93 -12.32
N GLY A 136 -10.76 -19.17 -13.31
CA GLY A 136 -9.84 -18.53 -14.27
C GLY A 136 -8.92 -17.49 -13.62
N GLN A 137 -9.44 -16.77 -12.63
CA GLN A 137 -8.56 -15.85 -11.90
C GLN A 137 -7.51 -16.59 -11.07
N ALA A 138 -7.83 -17.77 -10.53
CA ALA A 138 -6.81 -18.59 -9.88
C ALA A 138 -5.71 -19.06 -10.83
N GLU A 139 -6.14 -19.67 -11.94
CA GLU A 139 -5.25 -20.08 -13.02
C GLU A 139 -4.37 -18.92 -13.47
N ALA A 140 -4.98 -17.80 -13.78
CA ALA A 140 -4.17 -16.68 -14.23
C ALA A 140 -3.20 -16.16 -13.20
N GLY A 141 -3.59 -16.12 -11.93
CA GLY A 141 -2.70 -15.57 -10.96
C GLY A 141 -1.51 -16.47 -10.75
N LEU A 142 -1.73 -17.76 -10.85
CA LEU A 142 -0.63 -18.67 -10.58
C LEU A 142 0.31 -18.61 -11.77
N LYS A 143 -0.26 -18.58 -12.97
CA LYS A 143 0.61 -18.54 -14.16
C LYS A 143 1.44 -17.29 -14.16
N GLN A 144 0.87 -16.20 -13.65
CA GLN A 144 1.59 -14.94 -13.60
C GLN A 144 2.87 -15.07 -12.78
N GLN A 145 2.89 -16.00 -11.83
CA GLN A 145 4.14 -16.27 -11.08
C GLN A 145 4.95 -17.51 -11.51
N ALA A 146 4.73 -18.01 -12.72
CA ALA A 146 5.39 -19.24 -13.18
C ALA A 146 5.26 -20.37 -12.18
N LEU A 147 4.14 -20.40 -11.47
CA LEU A 147 3.91 -21.48 -10.54
C LEU A 147 3.23 -22.59 -11.28
N PRO A 148 3.94 -23.71 -11.39
CA PRO A 148 3.33 -24.88 -11.98
C PRO A 148 2.32 -25.36 -10.99
N TYR A 149 1.28 -26.02 -11.47
CA TYR A 149 0.30 -26.51 -10.55
C TYR A 149 -0.47 -27.60 -11.22
N SER A 150 -1.13 -28.44 -10.46
CA SER A 150 -2.12 -29.30 -11.02
C SER A 150 -3.43 -28.89 -10.38
N ARG A 151 -4.44 -28.82 -11.21
CA ARG A 151 -5.77 -28.57 -10.72
C ARG A 151 -6.35 -29.92 -10.44
N ARG A 152 -6.88 -30.06 -9.25
CA ARG A 152 -7.52 -31.29 -8.77
C ARG A 152 -8.91 -31.02 -8.24
N ASN A 153 -9.93 -31.54 -8.90
CA ASN A 153 -11.28 -31.28 -8.42
C ASN A 153 -11.46 -32.04 -7.13
N HIS A 154 -12.26 -31.49 -6.22
CA HIS A 154 -12.69 -32.21 -5.03
C HIS A 154 -14.20 -32.06 -4.91
N LYS A 155 -14.81 -32.57 -3.86
CA LYS A 155 -16.26 -32.54 -3.77
C LYS A 155 -16.72 -31.10 -3.63
N GLY A 156 -17.37 -30.58 -4.67
CA GLY A 156 -17.88 -29.22 -4.67
C GLY A 156 -16.81 -28.12 -4.65
N GLY A 157 -15.61 -28.48 -5.11
CA GLY A 157 -14.52 -27.54 -5.15
C GLY A 157 -13.42 -27.93 -6.09
N VAL A 158 -12.44 -27.04 -6.19
CA VAL A 158 -11.29 -27.28 -7.01
C VAL A 158 -10.11 -26.87 -6.13
N THR A 159 -9.05 -27.66 -6.14
CA THR A 159 -7.80 -27.27 -5.49
C THR A 159 -6.76 -27.08 -6.54
N PHE A 160 -6.14 -25.90 -6.55
CA PHE A 160 -4.97 -25.68 -7.41
C PHE A 160 -3.81 -26.06 -6.55
N VAL A 161 -3.13 -27.16 -6.90
CA VAL A 161 -1.95 -27.59 -6.14
C VAL A 161 -0.68 -27.11 -6.78
N ILE A 162 -0.02 -26.15 -6.12
CA ILE A 162 1.21 -25.59 -6.58
C ILE A 162 2.25 -26.65 -6.30
N GLN A 163 3.21 -26.81 -7.20
CA GLN A 163 4.12 -27.93 -7.16
C GLN A 163 5.51 -27.47 -7.42
N GLY A 164 6.46 -27.92 -6.61
CA GLY A 164 7.83 -27.66 -6.99
C GLY A 164 8.72 -27.50 -5.78
N ALA A 165 9.99 -27.26 -6.04
CA ALA A 165 10.96 -27.13 -4.96
C ALA A 165 11.06 -25.64 -4.64
N LEU A 166 9.98 -25.09 -4.11
CA LEU A 166 9.89 -23.64 -3.90
C LEU A 166 10.87 -23.14 -2.83
N ASP A 167 11.47 -21.98 -3.08
CA ASP A 167 12.31 -21.41 -2.03
C ASP A 167 11.49 -20.47 -1.15
N ASP A 168 12.17 -19.79 -0.25
CA ASP A 168 11.53 -18.92 0.72
C ASP A 168 10.61 -17.90 0.06
N VAL A 169 11.18 -17.12 -0.87
CA VAL A 169 10.45 -16.00 -1.46
C VAL A 169 9.27 -16.47 -2.32
N GLU A 170 9.43 -17.59 -3.01
CA GLU A 170 8.39 -18.12 -3.87
C GLU A 170 7.18 -18.58 -3.11
N ILE A 171 7.41 -19.21 -1.97
CA ILE A 171 6.33 -19.55 -1.05
C ILE A 171 5.59 -18.32 -0.53
N LEU A 172 6.34 -17.30 -0.15
CA LEU A 172 5.68 -16.10 0.37
C LEU A 172 4.86 -15.43 -0.75
N ARG A 173 5.42 -15.35 -1.96
CA ARG A 173 4.69 -14.76 -3.05
C ARG A 173 3.46 -15.59 -3.36
N ALA A 174 3.57 -16.91 -3.34
CA ALA A 174 2.40 -17.79 -3.60
C ALA A 174 1.34 -17.53 -2.56
N ARG A 175 1.73 -17.50 -1.28
CA ARG A 175 0.75 -17.36 -0.25
C ARG A 175 0.10 -15.95 -0.24
N GLN A 176 0.88 -14.94 -0.60
CA GLN A 176 0.36 -13.58 -0.71
C GLN A 176 -0.68 -13.49 -1.84
N PHE A 177 -0.40 -14.14 -2.97
CA PHE A 177 -1.41 -14.22 -4.04
C PHE A 177 -2.69 -14.91 -3.52
N VAL A 178 -2.54 -16.01 -2.79
CA VAL A 178 -3.70 -16.78 -2.36
C VAL A 178 -4.50 -15.91 -1.42
N ASP A 179 -3.82 -15.20 -0.55
CA ASP A 179 -4.59 -14.40 0.39
C ASP A 179 -5.38 -13.31 -0.35
N SER A 180 -4.78 -12.71 -1.36
CA SER A 180 -5.45 -11.68 -2.14
C SER A 180 -6.62 -12.29 -2.94
N TYR A 181 -6.41 -13.51 -3.43
CA TYR A 181 -7.50 -14.23 -4.10
C TYR A 181 -8.74 -14.42 -3.18
N TYR A 182 -8.50 -14.94 -1.98
CA TYR A 182 -9.57 -15.20 -1.03
C TYR A 182 -10.25 -13.91 -0.54
N ARG A 183 -9.52 -12.80 -0.50
CA ARG A 183 -10.20 -11.52 -0.17
C ARG A 183 -11.32 -11.19 -1.19
N THR A 184 -11.10 -11.54 -2.47
CA THR A 184 -12.14 -11.33 -3.45
C THR A 184 -13.18 -12.42 -3.51
N TRP A 185 -12.76 -13.70 -3.50
CA TRP A 185 -13.70 -14.76 -3.83
C TRP A 185 -14.13 -15.59 -2.65
N GLY A 186 -13.40 -15.45 -1.54
CA GLY A 186 -13.64 -16.31 -0.38
C GLY A 186 -12.93 -17.63 -0.64
N GLY A 187 -13.00 -18.58 0.29
CA GLY A 187 -12.27 -19.85 0.14
C GLY A 187 -13.14 -21.10 -0.02
N ARG A 188 -14.35 -20.94 -0.50
CA ARG A 188 -15.31 -22.04 -0.52
C ARG A 188 -15.40 -22.80 -1.83
N TYR A 189 -14.73 -22.35 -2.88
CA TYR A 189 -14.84 -23.06 -4.15
C TYR A 189 -13.42 -23.40 -4.53
N VAL A 190 -12.67 -22.44 -5.10
CA VAL A 190 -11.25 -22.71 -5.32
C VAL A 190 -10.47 -22.67 -4.02
N GLN A 191 -9.61 -23.69 -3.78
CA GLN A 191 -8.68 -23.66 -2.68
C GLN A 191 -7.31 -23.95 -3.19
N PHE A 192 -6.29 -23.74 -2.35
CA PHE A 192 -4.92 -23.87 -2.84
C PHE A 192 -4.10 -24.75 -1.90
N ALA A 193 -3.05 -25.34 -2.45
CA ALA A 193 -2.09 -26.10 -1.65
C ALA A 193 -0.75 -26.04 -2.30
N ILE A 194 0.31 -26.24 -1.50
CA ILE A 194 1.67 -26.29 -2.05
C ILE A 194 2.25 -27.68 -1.78
N GLU A 195 2.65 -28.38 -2.83
CA GLU A 195 3.35 -29.65 -2.64
C GLU A 195 4.85 -29.38 -2.75
N LEU A 196 5.57 -29.62 -1.66
CA LEU A 196 7.02 -29.42 -1.62
C LEU A 196 7.75 -30.67 -2.08
N LYS A 197 8.58 -30.50 -3.10
CA LYS A 197 9.26 -31.61 -3.73
C LYS A 197 10.77 -31.42 -3.59
N ASP A 198 11.49 -32.55 -3.68
CA ASP A 198 12.91 -32.69 -3.98
C ASP A 198 13.74 -33.24 -2.85
N GLU B 7 42.30 16.09 -11.62
CA GLU B 7 41.92 15.62 -10.29
C GLU B 7 42.43 16.62 -9.28
N LEU B 8 43.66 17.03 -9.50
CA LEU B 8 44.32 18.04 -8.69
C LEU B 8 43.82 19.45 -9.04
N ASP B 9 43.71 19.72 -10.33
CA ASP B 9 43.09 20.94 -10.84
C ASP B 9 41.76 21.20 -10.11
N SER B 10 40.84 20.25 -10.19
CA SER B 10 39.50 20.49 -9.65
C SER B 10 39.54 20.58 -8.15
N LEU B 11 40.44 19.81 -7.54
CA LEU B 11 40.66 19.92 -6.08
C LEU B 11 41.25 21.27 -5.65
N LEU B 12 41.93 21.99 -6.55
CA LEU B 12 42.28 23.38 -6.23
C LEU B 12 41.13 24.31 -6.61
N GLY B 13 40.50 24.02 -7.74
CA GLY B 13 39.42 24.82 -8.28
C GLY B 13 38.20 24.92 -7.40
N GLN B 14 37.79 23.80 -6.80
CA GLN B 14 36.60 23.74 -5.98
C GLN B 14 36.70 24.72 -4.79
N GLU B 17 35.50 21.28 1.11
CA GLU B 17 34.63 20.46 1.94
C GLU B 17 33.15 20.65 1.55
N ARG B 18 32.88 21.74 0.84
CA ARG B 18 31.61 21.94 0.14
C ARG B 18 31.44 20.86 -0.92
N PHE B 19 32.55 20.45 -1.52
CA PHE B 19 32.55 19.50 -2.63
C PHE B 19 33.45 18.31 -2.32
N GLN B 20 33.17 17.15 -2.91
CA GLN B 20 34.09 16.03 -2.84
C GLN B 20 34.39 15.59 -4.26
N VAL B 21 35.67 15.40 -4.58
CA VAL B 21 36.08 14.91 -5.88
C VAL B 21 36.39 13.41 -5.80
N LEU B 22 35.54 12.58 -6.43
CA LEU B 22 35.53 11.12 -6.27
C LEU B 22 35.77 10.43 -7.62
N PRO B 23 36.96 9.82 -7.81
CA PRO B 23 37.13 9.11 -9.10
C PRO B 23 36.26 7.88 -9.09
N GLY B 24 35.65 7.55 -10.23
CA GLY B 24 34.77 6.41 -10.38
C GLY B 24 35.36 5.26 -11.18
N ARG B 25 34.68 4.12 -11.15
CA ARG B 25 35.19 2.92 -11.85
C ARG B 25 35.20 3.08 -13.37
N ASP B 26 34.54 4.12 -13.87
CA ASP B 26 34.49 4.41 -15.29
C ASP B 26 35.59 5.39 -15.69
N LYS B 27 36.49 5.68 -14.73
CA LYS B 27 37.64 6.59 -14.92
C LYS B 27 37.24 8.06 -15.01
N MET B 28 35.97 8.32 -14.70
CA MET B 28 35.49 9.69 -14.65
C MET B 28 35.68 10.27 -13.27
N LEU B 29 35.71 11.60 -13.16
CA LEU B 29 35.72 12.24 -11.86
C LEU B 29 34.37 12.80 -11.47
N TYR B 30 33.84 12.36 -10.33
CA TYR B 30 32.56 12.87 -9.87
C TYR B 30 32.70 13.95 -8.80
N VAL B 31 31.95 15.03 -8.96
CA VAL B 31 32.01 16.09 -7.98
C VAL B 31 30.70 16.13 -7.24
N ALA B 32 30.74 15.73 -5.97
CA ALA B 32 29.51 15.62 -5.19
C ALA B 32 29.20 16.96 -4.57
N ALA B 33 28.01 17.45 -4.84
CA ALA B 33 27.57 18.75 -4.39
C ALA B 33 26.41 18.55 -3.44
N GLN B 34 26.20 19.47 -2.51
CA GLN B 34 25.19 19.28 -1.49
C GLN B 34 23.83 19.85 -1.84
N ASN B 35 23.80 20.79 -2.78
CA ASN B 35 22.53 21.39 -3.22
C ASN B 35 22.62 21.94 -4.63
N GLU B 36 21.53 22.54 -5.12
CA GLU B 36 21.43 22.90 -6.52
C GLU B 36 22.34 24.10 -6.82
N ARG B 37 22.39 25.02 -5.85
CA ARG B 37 23.24 26.21 -5.92
C ARG B 37 24.68 25.80 -6.22
N ASP B 38 25.24 24.97 -5.35
CA ASP B 38 26.62 24.53 -5.48
C ASP B 38 26.82 23.71 -6.74
N THR B 39 25.82 22.91 -7.09
CA THR B 39 25.90 22.15 -8.32
C THR B 39 26.01 23.09 -9.54
N LEU B 40 25.18 24.12 -9.58
CA LEU B 40 25.26 25.08 -10.69
C LEU B 40 26.67 25.73 -10.72
N TRP B 41 27.11 26.23 -9.56
CA TRP B 41 28.43 26.81 -9.41
C TRP B 41 29.56 25.89 -9.94
N ALA B 42 29.62 24.65 -9.44
CA ALA B 42 30.67 23.73 -9.89
C ALA B 42 30.61 23.47 -11.40
N ARG B 43 29.39 23.35 -11.93
CA ARG B 43 29.27 23.09 -13.37
C ARG B 43 29.79 24.27 -14.21
N GLN B 44 29.46 25.49 -13.80
CA GLN B 44 30.04 26.70 -14.39
C GLN B 44 31.56 26.67 -14.37
N VAL B 45 32.12 26.46 -13.18
CA VAL B 45 33.56 26.31 -13.03
C VAL B 45 34.14 25.26 -13.98
N LEU B 46 33.57 24.06 -13.99
CA LEU B 46 34.02 22.97 -14.86
C LEU B 46 33.91 23.35 -16.33
N ALA B 47 32.91 24.16 -16.64
CA ALA B 47 32.62 24.52 -18.03
C ALA B 47 33.66 25.52 -18.55
N ARG B 48 34.00 26.48 -17.71
CA ARG B 48 35.01 27.49 -18.03
C ARG B 48 36.38 26.88 -18.31
N GLY B 49 36.57 25.61 -17.97
CA GLY B 49 37.87 24.98 -18.11
C GLY B 49 37.91 23.66 -18.84
N ASP B 50 36.93 23.43 -19.73
CA ASP B 50 36.63 22.12 -20.34
C ASP B 50 37.08 20.87 -19.56
N TYR B 51 36.38 20.58 -18.46
CA TYR B 51 36.60 19.37 -17.69
C TYR B 51 35.47 18.41 -17.97
N ASP B 52 34.45 18.95 -18.64
CA ASP B 52 33.16 18.27 -18.82
C ASP B 52 33.24 16.95 -19.61
N LYS B 53 34.42 16.63 -20.10
CA LYS B 53 34.66 15.35 -20.74
C LYS B 53 35.32 14.39 -19.75
N ASN B 54 35.80 14.92 -18.64
CA ASN B 54 36.51 14.08 -17.69
C ASN B 54 35.82 14.07 -16.32
N ALA B 55 34.88 14.98 -16.12
CA ALA B 55 34.33 15.20 -14.79
C ALA B 55 32.83 15.51 -14.87
N ARG B 56 32.10 15.11 -13.83
CA ARG B 56 30.66 15.35 -13.76
C ARG B 56 30.27 15.77 -12.35
N VAL B 57 29.27 16.62 -12.23
CA VAL B 57 28.83 17.04 -10.94
C VAL B 57 27.53 16.25 -10.64
N ILE B 58 27.35 15.83 -9.39
CA ILE B 58 26.16 15.05 -9.04
C ILE B 58 25.66 15.60 -7.76
N ASN B 59 24.35 15.45 -7.51
CA ASN B 59 23.79 15.74 -6.21
C ASN B 59 22.67 14.74 -5.95
N GLU B 60 22.18 14.73 -4.72
CA GLU B 60 21.22 13.70 -4.31
C GLU B 60 19.87 13.76 -5.04
N ASN B 61 19.36 14.96 -5.32
CA ASN B 61 18.09 15.09 -6.06
C ASN B 61 18.20 14.50 -7.47
N GLU B 62 19.16 14.97 -8.24
CA GLU B 62 19.32 14.45 -9.59
C GLU B 62 19.62 12.95 -9.68
N GLU B 63 20.44 12.43 -8.75
CA GLU B 63 20.79 11.02 -8.80
C GLU B 63 19.53 10.20 -8.49
N ASN B 64 18.69 10.68 -7.58
CA ASN B 64 17.44 9.92 -7.32
C ASN B 64 16.57 9.86 -8.54
N LYS B 65 16.51 10.97 -9.27
CA LYS B 65 15.69 11.02 -10.47
C LYS B 65 16.18 10.09 -11.53
N ARG B 66 17.47 10.12 -11.76
CA ARG B 66 18.09 9.29 -12.77
C ARG B 66 17.90 7.82 -12.48
N ILE B 67 18.11 7.43 -11.22
CA ILE B 67 17.98 6.02 -10.88
C ILE B 67 16.53 5.62 -10.91
N SER B 68 15.61 6.49 -10.46
CA SER B 68 14.17 6.12 -10.51
C SER B 68 13.75 5.93 -11.95
N ILE B 69 14.30 6.69 -12.89
CA ILE B 69 13.95 6.38 -14.30
C ILE B 69 14.43 5.00 -14.70
N TRP B 70 15.62 4.61 -14.28
CA TRP B 70 16.11 3.28 -14.59
C TRP B 70 15.22 2.20 -13.98
N LEU B 71 14.82 2.42 -12.75
CA LEU B 71 14.02 1.43 -12.04
C LEU B 71 12.65 1.32 -12.66
N ASP B 72 12.12 2.42 -13.20
CA ASP B 72 10.77 2.35 -13.83
C ASP B 72 10.74 1.25 -14.89
N THR B 73 11.88 1.02 -15.56
CA THR B 73 11.90 -0.03 -16.60
C THR B 73 12.29 -1.37 -16.03
N TYR B 74 13.36 -1.42 -15.23
CA TYR B 74 13.88 -2.72 -14.79
C TYR B 74 13.31 -3.30 -13.50
N TYR B 75 12.80 -2.45 -12.63
CA TYR B 75 12.13 -2.93 -11.41
C TYR B 75 10.84 -2.18 -11.25
N PRO B 76 9.91 -2.38 -12.19
CA PRO B 76 8.70 -1.55 -12.26
C PRO B 76 7.73 -1.76 -11.08
N GLN B 77 7.86 -2.86 -10.35
CA GLN B 77 7.00 -3.02 -9.20
C GLN B 77 7.72 -2.86 -7.88
N LEU B 78 8.94 -2.36 -7.90
CA LEU B 78 9.68 -2.21 -6.65
C LEU B 78 9.06 -1.12 -5.76
N ALA B 79 8.85 -1.41 -4.49
CA ALA B 79 8.26 -0.43 -3.56
C ALA B 79 9.42 0.20 -2.80
N TYR B 80 9.76 1.44 -3.08
CA TYR B 80 10.95 2.00 -2.41
C TYR B 80 10.69 3.45 -2.04
N TYR B 81 11.63 4.05 -1.30
CA TYR B 81 11.43 5.39 -0.79
C TYR B 81 12.40 6.29 -1.51
N ARG B 82 13.68 6.16 -1.21
CA ARG B 82 14.69 7.15 -1.66
C ARG B 82 16.09 6.61 -1.48
N ILE B 83 17.05 7.15 -2.26
CA ILE B 83 18.48 6.81 -2.05
C ILE B 83 19.13 7.98 -1.34
N HIS B 84 19.91 7.69 -0.30
CA HIS B 84 20.58 8.75 0.45
C HIS B 84 22.07 8.73 0.21
N PHE B 85 22.66 9.92 0.11
CA PHE B 85 24.06 10.08 -0.33
C PHE B 85 24.95 10.78 0.73
N ASP B 86 24.60 10.61 1.99
CA ASP B 86 25.40 11.13 3.10
C ASP B 86 26.86 10.75 2.91
N GLU B 87 27.08 9.50 2.54
CA GLU B 87 28.41 9.05 2.15
C GLU B 87 28.28 8.59 0.71
N PRO B 88 28.73 9.44 -0.22
CA PRO B 88 28.61 9.19 -1.65
C PRO B 88 29.26 7.89 -2.05
N ARG B 89 30.31 7.46 -1.34
CA ARG B 89 30.93 6.18 -1.67
C ARG B 89 30.06 4.97 -1.30
N LYS B 90 29.10 5.19 -0.40
CA LYS B 90 28.26 4.10 0.04
C LYS B 90 26.79 4.61 0.15
N PRO B 91 26.12 4.85 -0.96
CA PRO B 91 24.70 5.28 -0.90
C PRO B 91 23.85 4.24 -0.20
N VAL B 92 22.79 4.71 0.46
CA VAL B 92 21.86 3.80 1.15
C VAL B 92 20.50 3.91 0.46
N PHE B 93 20.03 2.78 -0.06
CA PHE B 93 18.73 2.73 -0.75
C PHE B 93 17.67 2.25 0.23
N TRP B 94 16.66 3.07 0.52
CA TRP B 94 15.62 2.67 1.48
C TRP B 94 14.50 1.98 0.71
N LEU B 95 14.26 0.70 1.01
CA LEU B 95 13.22 -0.09 0.34
C LEU B 95 12.12 -0.32 1.40
N SER B 96 10.90 -0.55 0.94
CA SER B 96 9.80 -0.92 1.89
C SER B 96 9.92 -2.37 2.35
N ARG B 97 9.82 -2.61 3.64
CA ARG B 97 9.87 -3.97 4.12
C ARG B 97 8.59 -4.66 3.67
N GLN B 98 7.44 -4.02 3.89
CA GLN B 98 6.17 -4.74 3.70
C GLN B 98 5.79 -4.93 2.25
N ARG B 99 6.14 -3.98 1.41
CA ARG B 99 5.61 -4.02 0.04
C ARG B 99 6.52 -4.66 -0.99
N ASN B 100 7.54 -5.36 -0.52
CA ASN B 100 8.31 -6.18 -1.42
C ASN B 100 8.45 -7.58 -0.84
N THR B 101 8.62 -8.53 -1.72
CA THR B 101 8.90 -9.88 -1.27
C THR B 101 10.06 -10.34 -2.09
N MET B 102 11.27 -10.16 -1.55
CA MET B 102 12.50 -10.41 -2.34
C MET B 102 13.51 -11.24 -1.55
N SER B 103 14.16 -12.19 -2.22
CA SER B 103 15.18 -13.01 -1.53
C SER B 103 16.43 -12.19 -1.35
N LYS B 104 17.27 -12.66 -0.42
CA LYS B 104 18.56 -12.05 -0.16
C LYS B 104 19.38 -11.96 -1.46
N LYS B 105 19.32 -12.98 -2.29
CA LYS B 105 19.97 -12.92 -3.58
C LYS B 105 19.41 -11.82 -4.50
N GLU B 106 18.08 -11.72 -4.59
CA GLU B 106 17.47 -10.67 -5.40
C GLU B 106 17.90 -9.28 -4.89
N LEU B 107 17.97 -9.11 -3.58
CA LEU B 107 18.43 -7.83 -3.02
C LEU B 107 19.91 -7.58 -3.34
N GLU B 108 20.71 -8.64 -3.39
CA GLU B 108 22.10 -8.52 -3.80
C GLU B 108 22.24 -8.09 -5.25
N VAL B 109 21.51 -8.71 -6.15
CA VAL B 109 21.53 -8.28 -7.53
C VAL B 109 21.12 -6.80 -7.70
N LEU B 110 20.10 -6.39 -6.96
CA LEU B 110 19.60 -5.01 -7.09
C LEU B 110 20.71 -4.06 -6.62
N SER B 111 21.39 -4.44 -5.54
CA SER B 111 22.53 -3.65 -5.03
C SER B 111 23.64 -3.49 -6.07
N GLN B 112 23.94 -4.57 -6.79
CA GLN B 112 25.00 -4.57 -7.81
C GLN B 112 24.56 -3.78 -8.99
N LYS B 113 23.28 -3.79 -9.29
CA LYS B 113 22.78 -3.00 -10.39
C LYS B 113 22.89 -1.53 -10.07
N LEU B 114 22.48 -1.13 -8.87
CA LEU B 114 22.56 0.27 -8.47
C LEU B 114 24.04 0.73 -8.49
N ARG B 115 24.92 -0.14 -8.02
CA ARG B 115 26.37 0.18 -8.05
C ARG B 115 26.84 0.38 -9.48
N ALA B 116 26.29 -0.38 -10.42
CA ALA B 116 26.75 -0.22 -11.79
C ALA B 116 26.30 1.11 -12.34
N LEU B 117 25.14 1.57 -11.89
CA LEU B 117 24.61 2.88 -12.31
C LEU B 117 25.36 4.07 -11.70
N MET B 118 26.13 3.79 -10.65
CA MET B 118 26.79 4.88 -9.89
C MET B 118 28.28 4.52 -9.73
N PRO B 119 29.08 4.79 -10.77
CA PRO B 119 30.46 4.32 -10.80
C PRO B 119 31.33 4.84 -9.64
N TYR B 120 30.88 5.92 -9.01
CA TYR B 120 31.55 6.47 -7.81
C TYR B 120 31.23 5.73 -6.52
N ALA B 121 30.17 4.91 -6.54
CA ALA B 121 29.81 4.18 -5.33
C ALA B 121 30.64 2.91 -5.25
N ASP B 122 31.29 2.68 -4.12
CA ASP B 122 32.06 1.47 -3.91
C ASP B 122 31.10 0.32 -3.56
N SER B 123 30.05 0.63 -2.82
CA SER B 123 28.97 -0.34 -2.64
C SER B 123 27.67 0.39 -2.39
N VAL B 124 26.54 -0.33 -2.44
CA VAL B 124 25.25 0.34 -2.22
C VAL B 124 24.51 -0.45 -1.18
N ASN B 125 24.10 0.21 -0.11
CA ASN B 125 23.51 -0.53 1.01
C ASN B 125 22.00 -0.55 0.79
N ILE B 126 21.32 -1.66 1.05
CA ILE B 126 19.87 -1.68 0.91
C ILE B 126 19.32 -1.79 2.33
N THR B 127 18.51 -0.84 2.76
CA THR B 127 17.93 -0.92 4.09
C THR B 127 16.44 -1.08 3.95
N LEU B 128 15.86 -2.03 4.68
CA LEU B 128 14.42 -2.23 4.64
C LEU B 128 13.80 -1.30 5.66
N MET B 129 12.82 -0.50 5.23
CA MET B 129 12.22 0.46 6.14
C MET B 129 10.80 0.05 6.36
N ASP B 130 10.32 0.29 7.57
CA ASP B 130 8.98 -0.15 7.92
C ASP B 130 7.97 0.91 7.44
N ASP B 131 6.96 0.51 6.67
CA ASP B 131 5.99 1.49 6.20
C ASP B 131 5.30 2.17 7.35
N VAL B 132 5.16 1.47 8.46
CA VAL B 132 4.61 2.12 9.66
C VAL B 132 5.40 3.30 10.17
N THR B 133 6.71 3.22 10.01
CA THR B 133 7.55 4.35 10.35
C THR B 133 7.39 5.50 9.35
N ALA B 134 7.36 5.18 8.06
CA ALA B 134 7.20 6.25 7.07
C ALA B 134 5.87 6.99 7.32
N ALA B 135 4.78 6.24 7.49
CA ALA B 135 3.51 6.94 7.69
C ALA B 135 3.49 7.57 9.08
N GLY B 136 4.18 6.94 10.04
CA GLY B 136 4.09 7.40 11.43
C GLY B 136 4.87 8.68 11.59
N GLN B 137 5.97 8.84 10.85
CA GLN B 137 6.74 10.10 10.92
C GLN B 137 5.97 11.25 10.34
N ALA B 138 5.13 10.93 9.35
CA ALA B 138 4.33 11.96 8.75
C ALA B 138 3.28 12.40 9.72
N GLU B 139 2.59 11.42 10.30
CA GLU B 139 1.57 11.72 11.27
C GLU B 139 2.14 12.48 12.51
N ALA B 140 3.24 12.01 13.05
CA ALA B 140 3.87 12.66 14.23
C ALA B 140 4.31 14.08 13.92
N GLY B 141 4.95 14.27 12.77
CA GLY B 141 5.37 15.60 12.34
C GLY B 141 4.18 16.54 12.17
N LEU B 142 3.09 16.10 11.53
CA LEU B 142 1.90 16.94 11.46
C LEU B 142 1.41 17.29 12.86
N LYS B 143 1.28 16.29 13.74
CA LYS B 143 0.95 16.56 15.14
C LYS B 143 1.95 17.53 15.83
N GLN B 144 3.24 17.36 15.62
CA GLN B 144 4.24 18.23 16.26
C GLN B 144 4.17 19.69 15.73
N GLN B 145 3.75 19.85 14.47
CA GLN B 145 3.57 21.18 13.85
C GLN B 145 2.17 21.68 14.10
N ALA B 146 1.41 20.96 14.92
CA ALA B 146 0.00 21.30 15.17
C ALA B 146 -0.83 21.60 13.92
N LEU B 147 -0.77 20.70 12.94
CA LEU B 147 -1.55 20.82 11.71
C LEU B 147 -2.61 19.72 11.68
N PRO B 148 -3.89 20.11 11.82
CA PRO B 148 -4.98 19.16 11.87
C PRO B 148 -5.03 18.44 10.51
N TYR B 149 -5.45 17.19 10.45
CA TYR B 149 -5.42 16.47 9.16
C TYR B 149 -6.44 15.35 9.07
N SER B 150 -6.69 14.87 7.85
CA SER B 150 -7.51 13.71 7.62
C SER B 150 -6.65 12.67 6.87
N ARG B 151 -6.50 11.48 7.45
CA ARG B 151 -5.72 10.43 6.79
C ARG B 151 -6.57 9.52 5.91
N ARG B 152 -6.12 9.31 4.66
CA ARG B 152 -6.79 8.37 3.76
C ARG B 152 -5.82 7.26 3.36
N ASN B 153 -6.26 6.01 3.49
CA ASN B 153 -5.41 4.87 3.12
C ASN B 153 -5.77 4.34 1.77
N HIS B 154 -4.76 4.14 0.94
CA HIS B 154 -5.00 3.55 -0.38
C HIS B 154 -4.26 2.20 -0.46
N LYS B 155 -4.51 1.41 -1.51
CA LYS B 155 -3.85 0.10 -1.58
C LYS B 155 -2.34 0.25 -1.62
N GLY B 156 -1.83 1.30 -2.28
CA GLY B 156 -0.38 1.48 -2.35
C GLY B 156 0.21 2.77 -1.80
N GLY B 157 -0.54 3.52 -0.98
CA GLY B 157 -0.04 4.76 -0.44
C GLY B 157 -0.96 5.32 0.60
N VAL B 158 -0.60 6.50 1.14
CA VAL B 158 -1.40 7.13 2.18
C VAL B 158 -1.43 8.61 1.83
N THR B 159 -2.57 9.30 2.00
CA THR B 159 -2.61 10.74 1.76
C THR B 159 -2.99 11.34 3.11
N PHE B 160 -2.23 12.32 3.56
CA PHE B 160 -2.69 13.12 4.69
C PHE B 160 -3.18 14.42 4.11
N VAL B 161 -4.43 14.77 4.44
CA VAL B 161 -5.02 16.03 3.95
C VAL B 161 -5.07 17.02 5.11
N ILE B 162 -4.30 18.09 5.00
CA ILE B 162 -4.28 19.08 6.09
C ILE B 162 -5.50 19.94 5.98
N GLN B 163 -6.16 20.18 7.12
CA GLN B 163 -7.50 20.78 7.16
C GLN B 163 -7.61 21.98 8.12
N GLY B 164 -8.68 22.76 7.97
CA GLY B 164 -8.98 23.87 8.85
C GLY B 164 -8.24 25.13 8.47
N ALA B 165 -8.60 26.24 9.10
CA ALA B 165 -8.00 27.52 8.75
C ALA B 165 -6.50 27.50 9.04
N LEU B 166 -5.71 28.07 8.13
CA LEU B 166 -4.29 28.28 8.41
C LEU B 166 -3.89 29.71 8.08
N ASP B 167 -3.12 30.34 8.96
CA ASP B 167 -2.66 31.66 8.60
C ASP B 167 -1.39 31.53 7.80
N ASP B 168 -0.91 32.67 7.31
CA ASP B 168 0.21 32.63 6.39
C ASP B 168 1.47 31.97 6.98
N VAL B 169 1.70 32.06 8.29
CA VAL B 169 2.91 31.40 8.80
C VAL B 169 2.68 29.88 8.96
N GLU B 170 1.44 29.51 9.26
CA GLU B 170 1.13 28.10 9.45
C GLU B 170 1.18 27.42 8.11
N ILE B 171 0.62 28.06 7.07
CA ILE B 171 0.55 27.36 5.80
C ILE B 171 1.97 27.19 5.28
N LEU B 172 2.87 28.12 5.61
CA LEU B 172 4.26 27.97 5.23
C LEU B 172 5.00 26.91 6.05
N ARG B 173 4.74 26.85 7.36
CA ARG B 173 5.35 25.83 8.20
C ARG B 173 4.88 24.45 7.71
N ALA B 174 3.61 24.36 7.28
CA ALA B 174 3.09 23.16 6.63
C ALA B 174 3.89 22.78 5.41
N ARG B 175 4.11 23.72 4.50
CA ARG B 175 4.83 23.40 3.27
C ARG B 175 6.22 22.95 3.61
N GLN B 176 6.81 23.62 4.59
CA GLN B 176 8.19 23.35 4.93
C GLN B 176 8.32 21.96 5.55
N PHE B 177 7.36 21.61 6.39
CA PHE B 177 7.38 20.25 6.92
C PHE B 177 7.26 19.22 5.76
N VAL B 178 6.35 19.47 4.84
CA VAL B 178 6.17 18.51 3.72
C VAL B 178 7.43 18.43 2.87
N ASP B 179 8.05 19.57 2.65
CA ASP B 179 9.29 19.58 1.91
C ASP B 179 10.35 18.74 2.60
N SER B 180 10.53 18.95 3.91
CA SER B 180 11.54 18.19 4.63
C SER B 180 11.20 16.71 4.71
N TYR B 181 9.92 16.37 4.84
CA TYR B 181 9.49 14.96 4.83
C TYR B 181 9.88 14.32 3.52
N TYR B 182 9.61 15.01 2.41
CA TYR B 182 9.88 14.41 1.08
C TYR B 182 11.39 14.26 0.83
N ARG B 183 12.20 15.15 1.39
CA ARG B 183 13.67 15.06 1.25
C ARG B 183 14.21 13.84 1.96
N THR B 184 13.53 13.42 3.03
CA THR B 184 13.92 12.18 3.69
C THR B 184 13.33 10.91 3.08
N TRP B 185 12.05 10.92 2.80
CA TRP B 185 11.33 9.71 2.43
C TRP B 185 10.97 9.61 0.94
N GLY B 186 11.13 10.70 0.20
CA GLY B 186 10.66 10.76 -1.19
C GLY B 186 9.12 10.86 -1.19
N GLY B 187 8.51 10.84 -2.38
CA GLY B 187 7.08 11.07 -2.49
C GLY B 187 6.32 9.91 -3.06
N ARG B 188 6.86 8.69 -2.92
CA ARG B 188 6.27 7.53 -3.58
C ARG B 188 5.29 6.76 -2.70
N TYR B 189 5.17 7.13 -1.44
CA TYR B 189 4.28 6.38 -0.55
C TYR B 189 3.32 7.36 0.13
N VAL B 190 3.81 8.14 1.10
CA VAL B 190 2.95 9.12 1.74
C VAL B 190 2.92 10.35 0.88
N GLN B 191 1.72 10.92 0.70
CA GLN B 191 1.61 12.23 0.04
C GLN B 191 0.77 13.16 0.88
N PHE B 192 0.84 14.45 0.61
CA PHE B 192 0.16 15.43 1.42
C PHE B 192 -0.66 16.33 0.53
N ALA B 193 -1.78 16.81 1.06
CA ALA B 193 -2.62 17.80 0.38
C ALA B 193 -3.03 18.83 1.44
N ILE B 194 -3.44 20.02 1.00
CA ILE B 194 -3.92 21.03 1.91
C ILE B 194 -5.30 21.49 1.42
N GLU B 195 -6.36 21.34 2.24
CA GLU B 195 -7.72 21.77 1.81
C GLU B 195 -7.75 23.30 1.91
N LEU B 196 -8.31 23.99 0.93
CA LEU B 196 -8.49 25.44 1.03
C LEU B 196 -10.01 25.72 0.91
N LYS B 197 -10.72 25.64 2.04
CA LYS B 197 -12.14 25.91 2.08
C LYS B 197 -12.45 27.33 2.59
N ASP B 198 -13.71 27.76 2.49
CA ASP B 198 -14.08 29.11 2.87
C ASP B 198 -14.21 29.14 4.39
N ASP B 199 -13.08 29.35 5.07
CA ASP B 199 -13.01 29.15 6.52
C ASP B 199 -13.84 30.16 7.28
N TRP B 200 -14.38 29.77 8.43
CA TRP B 200 -15.04 30.73 9.28
C TRP B 200 -14.12 31.92 9.69
N LEU B 201 -12.93 31.63 10.21
CA LEU B 201 -11.96 32.69 10.55
C LEU B 201 -10.96 32.94 9.39
N LYS B 202 -10.94 34.18 8.89
CA LYS B 202 -10.28 34.49 7.62
C LYS B 202 -8.92 35.13 7.81
N GLY B 203 -8.55 35.39 9.07
CA GLY B 203 -7.36 36.15 9.40
C GLY B 203 -6.06 35.45 9.06
N ARG B 204 -5.26 36.08 8.20
CA ARG B 204 -4.03 35.47 7.71
C ARG B 204 -2.81 36.05 8.42
OH2 1PE C . -39.66 -17.73 5.84
C12 1PE C . -39.83 -17.89 4.47
C22 1PE C . -39.25 -19.18 4.04
OH3 1PE C . -37.93 -19.21 4.49
C13 1PE C . -35.73 -20.06 4.65
C23 1PE C . -37.16 -20.34 4.30
OH4 1PE C . -35.50 -20.14 6.02
C14 1PE C . -34.14 -19.92 7.95
C24 1PE C . -34.21 -19.90 6.46
OH5 1PE C . -34.61 -18.76 8.53
C15 1PE C . -35.55 -18.24 10.70
C25 1PE C . -34.38 -18.68 9.90
OH6 1PE C . -36.63 -17.92 9.93
C26 1PE C . -36.95 -16.58 9.71
OH2 1PE D . -26.28 -12.58 14.01
C12 1PE D . -27.06 -13.69 13.69
C22 1PE D . -26.13 -14.79 13.27
OH3 1PE D . -24.99 -14.87 14.08
C13 1PE D . -23.04 -15.92 14.90
C23 1PE D . -24.09 -15.89 13.84
OH4 1PE D . -21.96 -15.11 14.58
C14 1PE D . -19.74 -14.43 14.84
C24 1PE D . -21.02 -14.76 15.50
OH5 1PE D . -19.43 -13.11 14.99
C15 1PE D . -17.65 -12.70 13.42
C25 1PE D . -19.06 -12.43 13.83
OH6 1PE D . -16.83 -12.71 14.53
C26 1PE D . -15.46 -12.78 14.43
P PO4 E . -14.14 -9.90 -10.91
O1 PO4 E . -12.98 -9.59 -9.98
O2 PO4 E . -14.34 -11.39 -11.06
O3 PO4 E . -15.44 -9.34 -10.37
O4 PO4 E . -13.91 -9.27 -12.27
P PO4 F . -18.54 -13.20 -13.55
O1 PO4 F . -18.05 -14.15 -12.52
O2 PO4 F . -18.29 -11.76 -13.12
O3 PO4 F . -20.04 -13.45 -13.72
O4 PO4 F . -17.77 -13.37 -14.89
OH2 1PE G . 19.18 -6.91 -15.59
C12 1PE G . 18.83 -5.61 -15.83
C22 1PE G . 19.72 -5.05 -16.88
OH3 1PE G . 20.82 -4.49 -16.26
C13 1PE G . 22.69 -3.08 -16.01
C23 1PE G . 21.67 -3.66 -16.95
OH4 1PE G . 23.44 -4.08 -15.39
C14 1PE G . 25.46 -4.52 -14.03
C24 1PE G . 24.82 -3.93 -15.27
OH5 1PE G . 24.96 -5.73 -13.54
C15 1PE G . 24.77 -7.43 -11.80
C25 1PE G . 25.51 -6.26 -12.37
OH6 1PE G . 24.17 -8.22 -12.79
C26 1PE G . 23.35 -9.30 -12.48
OH2 1PE H . 18.91 8.26 -16.88
C12 1PE H . 18.21 7.19 -16.29
C22 1PE H . 19.22 6.21 -15.76
OH3 1PE H . 20.33 6.16 -16.58
C13 1PE H . 22.69 6.39 -16.86
C23 1PE H . 21.43 6.94 -16.27
OH4 1PE H . 23.19 5.29 -16.15
C14 1PE H . 25.60 4.96 -15.98
C24 1PE H . 24.29 4.59 -16.63
OH5 1PE H . 25.60 6.26 -15.48
C15 1PE H . 26.67 8.00 -14.18
C25 1PE H . 26.76 6.99 -15.30
OH6 1PE H . 26.30 9.27 -14.59
C26 1PE H . 26.19 10.30 -13.67
P PO4 I . 6.54 20.57 -1.88
O1 PO4 I . 7.82 19.78 -2.11
O2 PO4 I . 5.57 20.34 -3.01
O3 PO4 I . 5.90 20.11 -0.60
O4 PO4 I . 6.88 22.03 -1.75
P PO4 J . -8.62 16.80 -1.56
O1 PO4 J . -7.20 16.69 -2.09
O2 PO4 J . -9.58 16.95 -2.72
O3 PO4 J . -8.94 15.54 -0.78
O4 PO4 J . -8.82 17.99 -0.65
#